data_1W06
#
_entry.id   1W06
#
_cell.length_a   47.130
_cell.length_b   71.450
_cell.length_c   101.880
_cell.angle_alpha   90.00
_cell.angle_beta   90.00
_cell.angle_gamma   90.00
#
_symmetry.space_group_name_H-M   'P 21 21 21'
#
loop_
_entity.id
_entity.type
_entity.pdbx_description
1 polymer 'ISOPENICILLIN N SYNTHETASE'
2 non-polymer DELTA-(L-ALPHA-AMINOADIPOYL)-L-CYSTEINYL-D-ALANINE
3 non-polymer 'FE (II) ION'
4 non-polymer HYDROXYAMINE
5 non-polymer 'SULFATE ION'
6 water water
#
_entity_poly.entity_id   1
_entity_poly.type   'polypeptide(L)'
_entity_poly.pdbx_seq_one_letter_code
;MGSVSKANVPKIDVSPLFGDDQAAKMRVAQQIDAASRDTGFFYAVNHGINVQRLSQKTKEFHMSITPEEKWDLAIRAYNK
EHQDQVRAGYYLSIPGKKAVESFCYLNPNFTPDHPRIQAKTPTHEVNVWPDETKHPGFQDFAEQYYWDVFGLSSALLKGY
ALALGKEENFFARHFKPDDTLASVVLIRYPYLDPYPEAAIKTAADGTKLSFEWHEDVSLITVLYQSNVQNLQVETAAGYQ
DIEADDTGYLINCGSYMAHLTNNYYKAPIHRVKWVNAERQSLPFFVNLGYDSVIDPFDPREPNGKSDREPLSYGDYLQNG
LVSLINKNGQT
;
_entity_poly.pdbx_strand_id   A
#
# COMPACT_ATOMS: atom_id res chain seq x y z
N SER A 3 -9.04 -27.55 -0.68
CA SER A 3 -8.10 -27.64 -1.83
C SER A 3 -7.77 -26.25 -2.36
N VAL A 4 -7.26 -25.43 -1.47
CA VAL A 4 -6.46 -24.25 -1.81
C VAL A 4 -5.79 -24.09 -0.48
N SER A 5 -4.53 -24.39 -0.50
CA SER A 5 -3.75 -24.44 0.69
C SER A 5 -3.22 -23.08 1.03
N LYS A 6 -2.76 -22.95 2.26
CA LYS A 6 -2.22 -21.68 2.73
C LYS A 6 -0.75 -21.47 2.35
N ALA A 7 -0.44 -20.21 2.06
CA ALA A 7 0.91 -19.78 1.74
C ALA A 7 1.70 -19.62 3.03
N ASN A 8 3.03 -19.76 2.94
CA ASN A 8 3.94 -19.57 4.07
C ASN A 8 4.14 -18.07 4.24
N VAL A 9 3.54 -17.53 5.29
CA VAL A 9 3.71 -16.14 5.59
C VAL A 9 4.12 -16.02 7.06
N PRO A 10 5.42 -15.89 7.28
CA PRO A 10 5.94 -15.80 8.64
C PRO A 10 5.56 -14.54 9.39
N LYS A 11 5.50 -14.66 10.70
CA LYS A 11 5.32 -13.52 11.59
C LYS A 11 6.72 -13.16 12.10
N ILE A 12 7.14 -11.93 11.84
CA ILE A 12 8.45 -11.41 12.25
C ILE A 12 8.30 -10.24 13.27
N ASP A 13 8.98 -10.36 14.42
CA ASP A 13 8.99 -9.33 15.46
C ASP A 13 9.95 -8.25 14.97
N VAL A 14 9.39 -7.11 14.61
CA VAL A 14 10.21 -6.01 14.04
C VAL A 14 10.66 -4.97 15.06
N SER A 15 10.30 -5.18 16.31
CA SER A 15 10.65 -4.24 17.38
C SER A 15 12.14 -3.86 17.46
N PRO A 16 13.11 -4.75 17.19
CA PRO A 16 14.52 -4.32 17.22
C PRO A 16 14.87 -3.23 16.21
N LEU A 17 14.10 -3.12 15.13
CA LEU A 17 14.36 -2.11 14.09
C LEU A 17 14.15 -0.67 14.56
N PHE A 18 13.51 -0.51 15.71
CA PHE A 18 13.31 0.78 16.31
C PHE A 18 14.40 1.16 17.27
N GLY A 19 15.33 0.25 17.54
CA GLY A 19 16.33 0.46 18.58
C GLY A 19 17.77 0.51 18.13
N ASP A 20 18.69 0.26 19.07
CA ASP A 20 20.12 0.38 18.82
C ASP A 20 20.94 -0.90 19.00
N ASP A 21 20.30 -2.06 19.07
CA ASP A 21 21.02 -3.33 19.15
C ASP A 21 21.29 -3.84 17.74
N GLN A 22 22.48 -3.54 17.22
CA GLN A 22 22.79 -3.86 15.82
C GLN A 22 22.75 -5.35 15.48
N ALA A 23 23.23 -6.22 16.38
CA ALA A 23 23.20 -7.65 16.13
C ALA A 23 21.76 -8.15 16.07
N ALA A 24 20.90 -7.57 16.89
CA ALA A 24 19.49 -7.98 16.87
C ALA A 24 18.82 -7.55 15.57
N LYS A 25 19.14 -6.36 15.07
CA LYS A 25 18.65 -5.88 13.79
C LYS A 25 19.07 -6.82 12.66
N MET A 26 20.32 -7.31 12.69
CA MET A 26 20.74 -8.26 11.65
C MET A 26 19.92 -9.55 11.68
N ARG A 27 19.55 -10.03 12.88
CA ARG A 27 18.73 -11.22 12.93
C ARG A 27 17.32 -10.98 12.38
N VAL A 28 16.79 -9.76 12.54
CA VAL A 28 15.51 -9.43 11.89
C VAL A 28 15.68 -9.36 10.36
N ALA A 29 16.76 -8.67 9.94
CA ALA A 29 17.04 -8.55 8.52
C ALA A 29 17.12 -9.94 7.84
N GLN A 30 17.70 -10.94 8.50
CA GLN A 30 17.78 -12.28 7.94
C GLN A 30 16.39 -12.83 7.64
N GLN A 31 15.47 -12.64 8.57
CA GLN A 31 14.09 -13.10 8.42
C GLN A 31 13.39 -12.42 7.28
N ILE A 32 13.63 -11.12 7.11
CA ILE A 32 13.05 -10.35 6.03
C ILE A 32 13.62 -10.93 4.70
N ASP A 33 14.91 -11.19 4.64
CA ASP A 33 15.55 -11.78 3.48
C ASP A 33 14.90 -13.11 3.13
N ALA A 34 14.70 -13.95 4.12
CA ALA A 34 14.15 -15.26 3.86
C ALA A 34 12.71 -15.17 3.30
N ALA A 35 11.92 -14.36 3.93
CA ALA A 35 10.54 -14.16 3.49
C ALA A 35 10.46 -13.57 2.07
N SER A 36 11.32 -12.62 1.76
CA SER A 36 11.31 -11.92 0.48
C SER A 36 11.75 -12.88 -0.63
N ARG A 37 12.58 -13.87 -0.32
CA ARG A 37 13.04 -14.88 -1.29
C ARG A 37 12.09 -16.10 -1.45
N ASP A 38 11.11 -16.21 -0.56
CA ASP A 38 10.16 -17.32 -0.60
C ASP A 38 8.85 -16.80 -1.24
N THR A 39 7.78 -16.64 -0.47
CA THR A 39 6.53 -16.12 -1.08
C THR A 39 6.50 -14.66 -1.34
N GLY A 40 7.32 -13.87 -0.64
CA GLY A 40 7.29 -12.46 -0.81
C GLY A 40 6.46 -11.69 0.22
N PHE A 41 5.78 -12.39 1.13
CA PHE A 41 4.97 -11.77 2.13
C PHE A 41 5.40 -12.17 3.51
N PHE A 42 5.26 -11.22 4.43
CA PHE A 42 5.37 -11.50 5.87
C PHE A 42 4.49 -10.57 6.69
N TYR A 43 4.14 -11.02 7.91
CA TYR A 43 3.45 -10.17 8.85
C TYR A 43 4.45 -9.56 9.83
N ALA A 44 4.39 -8.23 9.94
CA ALA A 44 5.15 -7.47 10.92
C ALA A 44 4.34 -7.41 12.21
N VAL A 45 4.92 -7.95 13.28
CA VAL A 45 4.30 -7.92 14.61
C VAL A 45 5.20 -7.14 15.57
N ASN A 46 4.63 -6.76 16.73
CA ASN A 46 5.29 -5.88 17.71
C ASN A 46 5.70 -4.53 17.07
N HIS A 47 4.76 -3.94 16.31
CA HIS A 47 4.99 -2.73 15.49
C HIS A 47 4.66 -1.42 16.19
N GLY A 48 4.01 -1.51 17.33
CA GLY A 48 3.71 -0.32 18.10
C GLY A 48 2.51 0.51 17.67
N ILE A 49 1.79 0.13 16.62
CA ILE A 49 0.65 0.94 16.16
C ILE A 49 -0.71 0.45 16.72
N ASN A 50 -1.58 1.36 17.14
CA ASN A 50 -2.88 0.94 17.70
C ASN A 50 -3.84 0.65 16.56
N VAL A 51 -3.81 -0.56 16.04
CA VAL A 51 -4.64 -0.87 14.86
C VAL A 51 -6.14 -1.00 15.19
N GLN A 52 -6.50 -1.34 16.42
CA GLN A 52 -7.91 -1.45 16.76
C GLN A 52 -8.57 -0.09 16.65
N ARG A 53 -7.86 0.93 17.14
CA ARG A 53 -8.35 2.29 17.07
C ARG A 53 -8.44 2.78 15.64
N LEU A 54 -7.40 2.51 14.85
CA LEU A 54 -7.43 2.78 13.45
C LEU A 54 -8.70 2.22 12.80
N SER A 55 -9.01 0.95 13.07
CA SER A 55 -10.18 0.32 12.50
C SER A 55 -11.48 0.97 12.96
N GLN A 56 -11.54 1.35 14.23
CA GLN A 56 -12.74 1.97 14.76
C GLN A 56 -13.03 3.35 14.15
N LYS A 57 -11.99 4.19 14.07
CA LYS A 57 -12.10 5.52 13.51
C LYS A 57 -12.48 5.41 12.01
N THR A 58 -11.90 4.45 11.31
CA THR A 58 -12.17 4.28 9.88
C THR A 58 -13.64 3.81 9.67
N LYS A 59 -14.11 2.87 10.48
CA LYS A 59 -15.52 2.42 10.45
C LYS A 59 -16.47 3.61 10.67
N GLU A 60 -16.19 4.44 11.67
CA GLU A 60 -17.02 5.59 11.97
C GLU A 60 -17.14 6.53 10.75
N PHE A 61 -16.04 6.75 10.06
CA PHE A 61 -16.02 7.54 8.82
C PHE A 61 -16.82 6.89 7.71
N HIS A 62 -16.55 5.63 7.41
CA HIS A 62 -17.21 4.98 6.27
C HIS A 62 -18.72 4.90 6.47
N MET A 63 -19.19 4.63 7.70
CA MET A 63 -20.62 4.42 7.87
C MET A 63 -21.40 5.72 7.99
N SER A 64 -20.72 6.84 8.20
CA SER A 64 -21.42 8.12 8.36
C SER A 64 -21.31 9.06 7.15
N ILE A 65 -20.36 8.88 6.26
CA ILE A 65 -20.33 9.74 5.09
C ILE A 65 -21.62 9.57 4.21
N THR A 66 -22.15 10.67 3.70
CA THR A 66 -23.35 10.68 2.85
C THR A 66 -23.03 10.87 1.37
N PRO A 67 -24.00 10.56 0.50
CA PRO A 67 -23.80 10.70 -0.93
C PRO A 67 -23.41 12.13 -1.32
N GLU A 68 -23.97 13.12 -0.63
CA GLU A 68 -23.64 14.48 -0.94
C GLU A 68 -22.17 14.73 -0.70
N GLU A 69 -21.67 14.25 0.45
CA GLU A 69 -20.27 14.43 0.78
C GLU A 69 -19.36 13.72 -0.19
N LYS A 70 -19.75 12.52 -0.61
CA LYS A 70 -18.98 11.76 -1.59
C LYS A 70 -18.78 12.52 -2.93
N TRP A 71 -19.82 13.14 -3.46
CA TRP A 71 -19.66 13.88 -4.69
C TRP A 71 -18.74 15.07 -4.44
N ASP A 72 -18.89 15.69 -3.26
CA ASP A 72 -18.11 16.90 -2.97
C ASP A 72 -16.59 16.62 -2.78
N LEU A 73 -16.25 15.37 -2.45
CA LEU A 73 -14.88 14.93 -2.30
C LEU A 73 -14.33 14.07 -3.47
N ALA A 74 -15.14 13.88 -4.51
CA ALA A 74 -14.84 12.87 -5.50
C ALA A 74 -13.64 13.22 -6.36
N ILE A 75 -12.84 12.20 -6.69
CA ILE A 75 -11.75 12.37 -7.67
C ILE A 75 -12.32 12.63 -9.07
N ARG A 76 -11.47 13.10 -9.96
CA ARG A 76 -11.93 13.51 -11.28
C ARG A 76 -12.52 12.39 -12.13
N ALA A 77 -12.17 11.15 -11.86
CA ALA A 77 -12.79 10.02 -12.58
C ALA A 77 -14.32 9.95 -12.34
N TYR A 78 -14.79 10.49 -11.23
CA TYR A 78 -16.25 10.53 -10.86
C TYR A 78 -16.86 11.92 -10.89
N ASN A 79 -16.04 12.97 -10.92
CA ASN A 79 -16.57 14.34 -10.89
C ASN A 79 -15.67 15.25 -11.75
N LYS A 80 -16.17 15.64 -12.92
CA LYS A 80 -15.42 16.41 -13.91
C LYS A 80 -15.01 17.79 -13.43
N GLU A 81 -15.67 18.32 -12.42
CA GLU A 81 -15.35 19.66 -11.94
C GLU A 81 -14.05 19.66 -11.06
N HIS A 82 -13.56 18.48 -10.73
CA HIS A 82 -12.42 18.32 -9.81
C HIS A 82 -11.14 17.90 -10.57
N GLN A 83 -10.71 18.72 -11.53
CA GLN A 83 -9.65 18.28 -12.43
C GLN A 83 -8.27 18.10 -11.76
N ASP A 84 -8.02 18.79 -10.67
CA ASP A 84 -6.75 18.62 -9.93
C ASP A 84 -6.69 17.31 -9.05
N GLN A 85 -7.84 16.69 -8.77
CA GLN A 85 -7.86 15.48 -7.98
C GLN A 85 -7.74 14.21 -8.80
N VAL A 86 -6.50 13.79 -9.03
CA VAL A 86 -6.28 12.56 -9.71
C VAL A 86 -6.16 11.44 -8.69
N ARG A 87 -5.40 11.66 -7.63
CA ARG A 87 -5.15 10.67 -6.59
C ARG A 87 -5.93 10.83 -5.28
N ALA A 88 -5.99 12.06 -4.76
CA ALA A 88 -6.57 12.27 -3.43
C ALA A 88 -8.04 12.57 -3.54
N GLY A 89 -8.85 11.89 -2.72
CA GLY A 89 -10.28 12.12 -2.63
C GLY A 89 -11.07 10.85 -2.49
N TYR A 90 -12.37 10.93 -2.80
CA TYR A 90 -13.28 9.78 -2.68
C TYR A 90 -13.45 9.06 -4.03
N TYR A 91 -13.39 7.74 -3.97
CA TYR A 91 -13.56 6.81 -5.08
C TYR A 91 -14.93 6.15 -4.85
N LEU A 92 -15.97 6.54 -5.60
CA LEU A 92 -17.35 6.08 -5.29
C LEU A 92 -17.63 4.65 -5.73
N SER A 93 -18.55 3.99 -5.03
CA SER A 93 -19.11 2.72 -5.50
C SER A 93 -20.17 3.03 -6.54
N ILE A 94 -20.58 2.03 -7.30
CA ILE A 94 -21.64 2.21 -8.31
C ILE A 94 -22.61 1.07 -8.01
N PRO A 95 -23.65 1.33 -7.21
CA PRO A 95 -24.54 0.26 -6.80
C PRO A 95 -25.06 -0.57 -7.98
N GLY A 96 -24.95 -1.88 -7.83
CA GLY A 96 -25.38 -2.78 -8.86
C GLY A 96 -24.26 -3.12 -9.81
N LYS A 97 -23.13 -2.41 -9.73
CA LYS A 97 -22.01 -2.61 -10.66
C LYS A 97 -20.61 -2.70 -10.04
N LYS A 98 -20.32 -1.86 -9.06
CA LYS A 98 -19.03 -1.81 -8.42
C LYS A 98 -19.25 -1.66 -6.93
N ALA A 99 -18.83 -2.65 -6.15
CA ALA A 99 -19.14 -2.63 -4.71
C ALA A 99 -18.22 -1.78 -3.85
N VAL A 100 -16.92 -1.87 -4.11
CA VAL A 100 -15.93 -1.20 -3.33
C VAL A 100 -15.95 0.35 -3.46
N GLU A 101 -15.61 1.00 -2.35
CA GLU A 101 -15.43 2.45 -2.30
C GLU A 101 -14.31 2.80 -1.37
N SER A 102 -13.70 3.96 -1.57
CA SER A 102 -12.53 4.27 -0.77
C SER A 102 -12.23 5.76 -0.74
N PHE A 103 -11.35 6.11 0.20
CA PHE A 103 -10.87 7.47 0.39
C PHE A 103 -9.34 7.46 0.45
N CYS A 104 -8.70 8.23 -0.41
CA CYS A 104 -7.25 8.32 -0.48
C CYS A 104 -6.73 9.66 -0.04
N TYR A 105 -5.68 9.66 0.76
CA TYR A 105 -4.97 10.91 1.06
C TYR A 105 -3.44 10.73 0.96
N LEU A 106 -2.78 11.86 0.73
CA LEU A 106 -1.34 11.93 0.52
C LEU A 106 -0.61 12.63 1.67
N ASN A 107 0.67 12.92 1.50
CA ASN A 107 1.49 13.66 2.51
C ASN A 107 0.81 14.94 3.00
N PRO A 108 0.51 15.03 4.30
CA PRO A 108 -0.10 16.23 4.84
C PRO A 108 0.76 17.50 4.65
N ASN A 109 2.05 17.35 4.38
CA ASN A 109 2.89 18.51 4.11
C ASN A 109 2.71 19.12 2.69
N PHE A 110 1.93 18.47 1.83
CA PHE A 110 1.67 19.00 0.53
C PHE A 110 0.55 20.03 0.69
N THR A 111 0.95 21.20 1.14
CA THR A 111 0.07 22.35 1.34
C THR A 111 0.12 23.30 0.14
N PRO A 112 -0.79 24.27 0.07
CA PRO A 112 -0.81 25.16 -1.07
C PRO A 112 0.51 25.91 -1.33
N ASP A 113 1.32 26.12 -0.28
CA ASP A 113 2.65 26.78 -0.41
C ASP A 113 3.86 25.86 -0.63
N HIS A 114 3.64 24.56 -0.69
CA HIS A 114 4.73 23.58 -0.92
C HIS A 114 5.28 23.83 -2.33
N PRO A 115 6.61 23.83 -2.47
CA PRO A 115 7.23 24.11 -3.78
C PRO A 115 6.76 23.19 -4.92
N ARG A 116 6.44 21.91 -4.63
CA ARG A 116 6.01 21.00 -5.69
C ARG A 116 4.57 21.27 -6.08
N ILE A 117 3.80 21.81 -5.14
CA ILE A 117 2.41 22.20 -5.45
C ILE A 117 2.39 23.50 -6.27
N GLN A 118 3.24 24.46 -5.93
CA GLN A 118 3.40 25.68 -6.68
C GLN A 118 3.86 25.34 -8.09
N ALA A 119 4.78 24.37 -8.25
CA ALA A 119 5.30 24.02 -9.59
C ALA A 119 4.32 23.14 -10.41
N LYS A 120 3.30 22.61 -9.77
CA LYS A 120 2.31 21.77 -10.42
C LYS A 120 2.92 20.46 -10.97
N THR A 121 3.87 19.93 -10.22
CA THR A 121 4.48 18.68 -10.55
C THR A 121 3.47 17.52 -10.46
N PRO A 122 3.42 16.66 -11.46
CA PRO A 122 2.56 15.49 -11.42
C PRO A 122 2.74 14.62 -10.18
N THR A 123 1.63 14.04 -9.75
CA THR A 123 1.51 13.10 -8.60
C THR A 123 1.50 13.77 -7.22
N HIS A 124 1.69 15.10 -7.20
CA HIS A 124 1.54 15.85 -5.95
C HIS A 124 0.17 16.60 -5.93
N GLU A 125 -0.60 16.51 -4.86
CA GLU A 125 -1.89 17.21 -4.73
C GLU A 125 -2.05 17.60 -3.28
N VAL A 126 -2.90 18.62 -3.03
CA VAL A 126 -3.31 19.00 -1.68
C VAL A 126 -4.53 18.15 -1.29
N ASN A 127 -4.47 17.50 -0.12
CA ASN A 127 -5.57 16.68 0.33
C ASN A 127 -6.89 17.44 0.50
N VAL A 128 -8.01 16.71 0.28
CA VAL A 128 -9.36 17.19 0.50
C VAL A 128 -9.94 16.42 1.66
N TRP A 129 -10.71 17.10 2.49
CA TRP A 129 -11.27 16.52 3.72
C TRP A 129 -12.73 16.89 3.85
N PRO A 130 -13.53 16.03 4.50
CA PRO A 130 -14.93 16.35 4.76
C PRO A 130 -15.04 17.42 5.86
N ASP A 131 -16.21 18.03 6.01
CA ASP A 131 -16.46 19.03 7.01
C ASP A 131 -16.17 18.53 8.44
N GLU A 132 -15.46 19.34 9.21
CA GLU A 132 -15.10 18.98 10.58
C GLU A 132 -16.33 18.71 11.48
N THR A 133 -17.39 19.52 11.40
CA THR A 133 -18.54 19.29 12.27
C THR A 133 -19.28 17.99 11.93
N LYS A 134 -19.20 17.52 10.71
CA LYS A 134 -19.87 16.26 10.36
C LYS A 134 -19.03 15.01 10.71
N HIS A 135 -17.73 15.22 10.86
CA HIS A 135 -16.75 14.15 11.13
C HIS A 135 -15.69 14.57 12.15
N PRO A 136 -16.13 14.86 13.37
CA PRO A 136 -15.22 15.41 14.35
C PRO A 136 -14.00 14.58 14.58
N GLY A 137 -12.84 15.22 14.46
CA GLY A 137 -11.57 14.58 14.75
C GLY A 137 -11.01 13.69 13.68
N PHE A 138 -11.72 13.48 12.58
CA PHE A 138 -11.27 12.55 11.58
C PHE A 138 -9.98 13.01 10.87
N GLN A 139 -9.95 14.25 10.39
CA GLN A 139 -8.76 14.74 9.70
C GLN A 139 -7.53 14.65 10.61
N ASP A 140 -7.69 15.03 11.87
CA ASP A 140 -6.55 15.02 12.79
C ASP A 140 -6.11 13.61 13.04
N PHE A 141 -7.05 12.67 13.16
CA PHE A 141 -6.68 11.28 13.37
C PHE A 141 -5.98 10.72 12.16
N ALA A 142 -6.46 11.07 10.97
CA ALA A 142 -5.96 10.49 9.75
C ALA A 142 -4.55 11.00 9.45
N GLU A 143 -4.32 12.27 9.75
CA GLU A 143 -2.98 12.87 9.58
C GLU A 143 -1.99 12.24 10.59
N GLN A 144 -2.38 12.04 11.85
CA GLN A 144 -1.47 11.41 12.78
C GLN A 144 -1.21 9.96 12.36
N TYR A 145 -2.25 9.30 11.81
CA TYR A 145 -2.02 7.90 11.35
C TYR A 145 -0.95 7.86 10.26
N TYR A 146 -1.00 8.82 9.33
CA TYR A 146 0.01 8.88 8.28
C TYR A 146 1.43 8.89 8.90
N TRP A 147 1.64 9.73 9.93
CA TRP A 147 2.97 9.77 10.52
C TRP A 147 3.31 8.50 11.33
N ASP A 148 2.32 7.86 11.96
CA ASP A 148 2.56 6.63 12.69
C ASP A 148 3.04 5.50 11.74
N VAL A 149 2.35 5.33 10.62
CA VAL A 149 2.70 4.29 9.64
C VAL A 149 3.98 4.70 8.88
N PHE A 150 4.21 6.00 8.72
CA PHE A 150 5.49 6.47 8.14
C PHE A 150 6.66 6.01 9.04
N GLY A 151 6.50 6.12 10.35
CA GLY A 151 7.54 5.67 11.25
C GLY A 151 7.82 4.17 11.18
N LEU A 152 6.74 3.39 11.15
CA LEU A 152 6.88 1.93 11.02
C LEU A 152 7.59 1.61 9.69
N SER A 153 7.17 2.27 8.61
CA SER A 153 7.78 2.05 7.30
C SER A 153 9.29 2.38 7.28
N SER A 154 9.71 3.43 7.97
CA SER A 154 11.12 3.81 7.98
C SER A 154 11.92 2.71 8.65
N ALA A 155 11.36 2.17 9.72
CA ALA A 155 12.01 1.04 10.41
C ALA A 155 12.11 -0.20 9.52
N LEU A 156 11.02 -0.55 8.83
CA LEU A 156 11.05 -1.63 7.89
C LEU A 156 12.09 -1.42 6.79
N LEU A 157 12.22 -0.19 6.30
CA LEU A 157 13.18 0.06 5.22
C LEU A 157 14.61 -0.14 5.75
N LYS A 158 14.82 0.08 7.03
CA LYS A 158 16.13 -0.23 7.62
C LYS A 158 16.44 -1.74 7.57
N GLY A 159 15.43 -2.57 7.88
CA GLY A 159 15.59 -4.00 7.79
C GLY A 159 15.82 -4.48 6.37
N TYR A 160 15.11 -3.93 5.39
CA TYR A 160 15.35 -4.31 3.99
C TYR A 160 16.76 -3.93 3.53
N ALA A 161 17.23 -2.75 3.92
CA ALA A 161 18.57 -2.36 3.50
C ALA A 161 19.66 -3.29 4.07
N LEU A 162 19.59 -3.55 5.38
CA LEU A 162 20.53 -4.52 6.02
C LEU A 162 20.44 -5.92 5.38
N ALA A 163 19.22 -6.34 5.02
CA ALA A 163 19.00 -7.66 4.41
C ALA A 163 19.76 -7.78 3.09
N LEU A 164 19.91 -6.65 2.40
CA LEU A 164 20.52 -6.62 1.08
C LEU A 164 21.99 -6.32 1.13
N GLY A 165 22.55 -6.25 2.32
CA GLY A 165 23.96 -5.99 2.47
C GLY A 165 24.33 -4.51 2.42
N LYS A 166 23.37 -3.63 2.58
CA LYS A 166 23.65 -2.18 2.54
C LYS A 166 23.63 -1.59 3.96
N GLU A 167 24.06 -0.30 4.12
CA GLU A 167 23.91 0.43 5.39
C GLU A 167 22.41 0.66 5.69
N GLU A 168 22.01 0.85 6.95
CA GLU A 168 20.57 0.85 7.26
C GLU A 168 19.80 2.00 6.65
N ASN A 169 20.47 3.11 6.36
CA ASN A 169 19.78 4.25 5.73
C ASN A 169 19.71 4.27 4.19
N PHE A 170 20.05 3.15 3.54
CA PHE A 170 20.10 3.04 2.09
C PHE A 170 18.79 3.45 1.40
N PHE A 171 17.67 2.97 1.91
CA PHE A 171 16.37 3.36 1.34
C PHE A 171 15.84 4.60 2.12
N ALA A 172 15.99 4.59 3.44
CA ALA A 172 15.34 5.57 4.27
C ALA A 172 15.75 6.99 4.04
N ARG A 173 16.96 7.19 3.56
CA ARG A 173 17.46 8.53 3.32
C ARG A 173 16.65 9.22 2.18
N HIS A 174 15.97 8.46 1.35
CA HIS A 174 15.13 8.97 0.25
C HIS A 174 13.64 9.02 0.64
N PHE A 175 13.33 8.66 1.88
CA PHE A 175 11.95 8.59 2.37
C PHE A 175 11.81 9.65 3.46
N LYS A 176 11.34 10.85 3.07
CA LYS A 176 11.45 12.01 3.93
C LYS A 176 10.11 12.69 4.11
N PRO A 177 9.80 13.17 5.32
CA PRO A 177 8.51 13.84 5.52
C PRO A 177 8.18 15.01 4.61
N ASP A 178 9.15 15.80 4.22
CA ASP A 178 8.83 16.97 3.41
C ASP A 178 8.48 16.61 1.99
N ASP A 179 8.85 15.44 1.51
CA ASP A 179 8.55 15.17 0.11
C ASP A 179 8.09 13.79 -0.35
N THR A 180 7.82 12.86 0.58
CA THR A 180 7.40 11.52 0.18
C THR A 180 6.08 11.55 -0.59
N LEU A 181 6.00 10.75 -1.66
CA LEU A 181 4.75 10.56 -2.40
C LEU A 181 3.89 9.39 -1.86
N ALA A 182 4.20 8.92 -0.66
CA ALA A 182 3.42 7.85 -0.02
C ALA A 182 1.92 8.20 0.15
N SER A 183 1.06 7.21 0.02
CA SER A 183 -0.37 7.40 0.18
C SER A 183 -1.00 6.37 1.19
N VAL A 184 -2.07 6.81 1.85
CA VAL A 184 -2.95 5.93 2.63
C VAL A 184 -4.27 5.81 1.82
N VAL A 185 -4.83 4.59 1.78
CA VAL A 185 -6.13 4.35 1.16
C VAL A 185 -7.03 3.64 2.19
N LEU A 186 -8.16 4.26 2.52
CA LEU A 186 -9.13 3.65 3.44
C LEU A 186 -10.21 2.98 2.60
N ILE A 187 -10.11 1.66 2.37
CA ILE A 187 -11.05 0.95 1.46
C ILE A 187 -12.14 0.24 2.26
N ARG A 188 -13.39 0.41 1.80
CA ARG A 188 -14.53 -0.30 2.36
C ARG A 188 -15.03 -1.36 1.36
N TYR A 189 -15.07 -2.62 1.79
CA TYR A 189 -15.63 -3.70 0.99
C TYR A 189 -16.94 -4.05 1.70
N PRO A 190 -18.10 -3.86 1.07
CA PRO A 190 -19.38 -4.08 1.73
C PRO A 190 -19.96 -5.48 1.75
N TYR A 191 -20.82 -5.76 2.72
CA TYR A 191 -21.73 -6.89 2.64
C TYR A 191 -22.96 -6.44 1.82
N LEU A 192 -23.38 -7.25 0.86
CA LEU A 192 -24.54 -6.99 0.00
C LEU A 192 -25.41 -8.24 -0.23
N ASP A 193 -26.73 -8.08 -0.18
CA ASP A 193 -27.62 -9.21 -0.39
C ASP A 193 -28.81 -8.69 -1.16
N PRO A 194 -28.93 -8.98 -2.45
CA PRO A 194 -28.00 -9.84 -3.20
C PRO A 194 -26.74 -9.09 -3.64
N TYR A 195 -25.65 -9.82 -3.87
CA TYR A 195 -24.41 -9.20 -4.31
C TYR A 195 -24.43 -9.24 -5.82
N PRO A 196 -24.29 -8.10 -6.46
CA PRO A 196 -24.42 -8.05 -7.91
C PRO A 196 -23.29 -8.79 -8.66
N GLU A 197 -23.68 -9.62 -9.61
CA GLU A 197 -22.73 -10.43 -10.37
C GLU A 197 -21.78 -9.54 -11.13
N ALA A 198 -22.30 -8.41 -11.61
CA ALA A 198 -21.44 -7.47 -12.32
C ALA A 198 -20.24 -6.97 -11.53
N ALA A 199 -20.31 -7.00 -10.20
CA ALA A 199 -19.23 -6.56 -9.35
C ALA A 199 -18.27 -7.70 -8.99
N ILE A 200 -18.51 -8.91 -9.50
CA ILE A 200 -17.65 -10.06 -9.23
C ILE A 200 -16.94 -10.48 -10.50
N LYS A 201 -15.62 -10.61 -10.45
CA LYS A 201 -14.87 -11.05 -11.61
C LYS A 201 -14.53 -12.50 -11.41
N THR A 202 -14.11 -13.15 -12.48
CA THR A 202 -13.79 -14.57 -12.41
C THR A 202 -12.37 -14.82 -12.97
N ALA A 203 -11.50 -15.49 -12.19
CA ALA A 203 -10.13 -15.85 -12.64
C ALA A 203 -10.14 -17.02 -13.61
N ALA A 204 -9.03 -17.21 -14.33
CA ALA A 204 -8.96 -18.32 -15.26
C ALA A 204 -9.14 -19.67 -14.57
N ASP A 205 -8.73 -19.76 -13.31
CA ASP A 205 -8.85 -20.99 -12.55
C ASP A 205 -10.25 -21.14 -11.89
N GLY A 206 -11.16 -20.18 -12.10
CA GLY A 206 -12.52 -20.28 -11.61
C GLY A 206 -12.77 -19.52 -10.30
N THR A 207 -11.73 -19.01 -9.70
CA THR A 207 -11.88 -18.26 -8.45
C THR A 207 -12.63 -16.96 -8.65
N LYS A 208 -13.63 -16.70 -7.79
CA LYS A 208 -14.31 -15.43 -7.79
C LYS A 208 -13.48 -14.34 -7.12
N LEU A 209 -13.30 -13.19 -7.84
CA LEU A 209 -12.44 -12.10 -7.42
C LEU A 209 -13.09 -10.72 -7.32
N SER A 210 -12.57 -9.91 -6.41
CA SER A 210 -12.89 -8.49 -6.36
C SER A 210 -11.84 -7.62 -7.12
N PHE A 211 -10.57 -8.04 -7.12
CA PHE A 211 -9.50 -7.28 -7.84
C PHE A 211 -8.53 -8.32 -8.43
N GLU A 212 -8.20 -8.18 -9.71
CA GLU A 212 -7.37 -9.15 -10.42
C GLU A 212 -5.88 -9.10 -10.10
N TRP A 213 -5.19 -10.05 -10.69
CA TRP A 213 -3.76 -10.24 -10.44
C TRP A 213 -3.00 -8.98 -10.78
N HIS A 214 -1.97 -8.72 -9.99
CA HIS A 214 -1.11 -7.56 -10.22
C HIS A 214 0.14 -7.63 -9.37
N GLU A 215 1.14 -6.80 -9.71
CA GLU A 215 2.26 -6.48 -8.79
C GLU A 215 1.99 -5.05 -8.27
N ASP A 216 2.39 -4.76 -7.04
CA ASP A 216 2.14 -3.45 -6.45
C ASP A 216 3.03 -2.35 -7.07
N VAL A 217 2.47 -1.14 -7.12
CA VAL A 217 3.19 0.07 -7.52
C VAL A 217 3.63 0.73 -6.21
N SER A 218 4.85 0.39 -5.80
CA SER A 218 5.42 0.83 -4.56
C SER A 218 6.89 0.36 -4.45
N LEU A 219 7.56 0.89 -3.44
CA LEU A 219 8.85 0.31 -3.00
C LEU A 219 8.50 -0.91 -2.12
N ILE A 220 7.81 -0.68 -1.01
CA ILE A 220 7.10 -1.72 -0.22
C ILE A 220 5.66 -1.29 0.09
N THR A 221 4.83 -2.25 0.46
CA THR A 221 3.42 -1.96 0.85
C THR A 221 3.25 -2.42 2.29
N VAL A 222 2.58 -1.62 3.15
CA VAL A 222 2.39 -1.83 4.59
C VAL A 222 0.88 -1.80 4.82
N LEU A 223 0.27 -2.98 4.93
CA LEU A 223 -1.18 -3.16 4.87
C LEU A 223 -1.84 -3.69 6.16
N TYR A 224 -2.86 -2.99 6.66
CA TYR A 224 -3.71 -3.52 7.73
C TYR A 224 -5.04 -3.95 7.07
N GLN A 225 -5.55 -5.14 7.39
CA GLN A 225 -6.92 -5.54 6.96
C GLN A 225 -7.69 -6.14 8.12
N SER A 226 -9.01 -6.06 8.04
CA SER A 226 -9.90 -6.82 8.94
C SER A 226 -9.58 -8.29 8.96
N ASN A 227 -10.05 -8.98 9.99
CA ASN A 227 -9.82 -10.42 10.11
C ASN A 227 -10.77 -11.33 9.29
N VAL A 228 -10.76 -11.13 7.99
CA VAL A 228 -11.47 -11.96 7.05
C VAL A 228 -10.51 -12.27 5.91
N GLN A 229 -10.26 -13.56 5.69
CA GLN A 229 -9.26 -13.99 4.71
C GLN A 229 -9.69 -13.58 3.30
N ASN A 230 -8.75 -13.08 2.49
CA ASN A 230 -9.10 -12.62 1.13
C ASN A 230 -8.01 -12.59 0.11
N LEU A 231 -6.75 -12.39 0.51
CA LEU A 231 -5.64 -12.26 -0.45
C LEU A 231 -5.04 -13.62 -0.86
N GLN A 232 -4.62 -13.74 -2.13
CA GLN A 232 -3.93 -14.93 -2.62
C GLN A 232 -2.65 -14.52 -3.35
N VAL A 233 -1.62 -15.35 -3.22
CA VAL A 233 -0.32 -15.11 -3.89
C VAL A 233 -0.03 -16.25 -4.87
N GLU A 234 0.51 -15.90 -6.03
CA GLU A 234 0.84 -16.89 -7.03
C GLU A 234 2.18 -17.55 -6.64
N THR A 235 2.19 -18.87 -6.62
CA THR A 235 3.41 -19.62 -6.32
C THR A 235 3.66 -20.68 -7.33
N ALA A 236 4.69 -21.47 -7.05
CA ALA A 236 5.02 -22.59 -7.89
C ALA A 236 3.81 -23.47 -7.98
N ALA A 237 3.21 -23.76 -6.82
CA ALA A 237 2.04 -24.63 -6.76
C ALA A 237 0.67 -23.96 -6.94
N GLY A 238 0.56 -22.92 -7.78
CA GLY A 238 -0.73 -22.27 -8.06
C GLY A 238 -0.97 -21.15 -7.08
N TYR A 239 -2.17 -20.56 -7.09
CA TYR A 239 -2.44 -19.51 -6.11
C TYR A 239 -2.65 -20.15 -4.71
N GLN A 240 -2.13 -19.49 -3.67
CA GLN A 240 -2.24 -19.99 -2.30
C GLN A 240 -2.83 -18.90 -1.41
N ASP A 241 -3.63 -19.27 -0.43
CA ASP A 241 -4.29 -18.30 0.45
C ASP A 241 -3.32 -17.66 1.49
N ILE A 242 -3.36 -16.33 1.61
CA ILE A 242 -2.64 -15.62 2.68
C ILE A 242 -3.56 -15.48 3.88
N GLU A 243 -3.16 -16.07 5.02
CA GLU A 243 -3.95 -16.03 6.23
C GLU A 243 -4.19 -14.56 6.63
N ALA A 244 -5.36 -14.28 7.20
CA ALA A 244 -5.58 -12.98 7.77
C ALA A 244 -4.98 -12.93 9.16
N ASP A 245 -4.69 -11.72 9.64
CA ASP A 245 -4.20 -11.45 11.00
C ASP A 245 -4.45 -9.95 11.24
N ASP A 246 -5.52 -9.63 11.92
CA ASP A 246 -5.85 -8.24 12.18
C ASP A 246 -5.12 -7.65 13.44
N THR A 247 -4.06 -8.31 13.87
CA THR A 247 -3.12 -7.67 14.79
C THR A 247 -1.84 -7.20 14.13
N GLY A 248 -1.46 -7.78 13.01
CA GLY A 248 -0.21 -7.44 12.32
C GLY A 248 -0.41 -6.62 11.06
N TYR A 249 0.69 -6.12 10.53
CA TYR A 249 0.71 -5.52 9.21
C TYR A 249 1.30 -6.51 8.18
N LEU A 250 0.60 -6.70 7.06
CA LEU A 250 1.07 -7.57 5.96
C LEU A 250 2.01 -6.72 5.12
N ILE A 251 3.22 -7.22 4.87
CA ILE A 251 4.26 -6.50 4.13
C ILE A 251 4.65 -7.26 2.88
N ASN A 252 4.78 -6.55 1.77
CA ASN A 252 5.37 -7.07 0.56
C ASN A 252 6.15 -6.00 -0.21
N CYS A 253 6.99 -6.46 -1.12
CA CYS A 253 7.74 -5.59 -2.03
C CYS A 253 6.93 -5.22 -3.27
N GLY A 254 7.13 -4.00 -3.76
CA GLY A 254 6.51 -3.51 -4.96
C GLY A 254 7.53 -3.56 -6.11
N SER A 255 7.08 -3.25 -7.32
CA SER A 255 7.92 -3.41 -8.50
C SER A 255 9.19 -2.50 -8.54
N TYR A 256 9.20 -1.39 -7.79
CA TYR A 256 10.43 -0.59 -7.72
C TYR A 256 11.54 -1.38 -6.99
N MET A 257 11.17 -2.12 -5.92
CA MET A 257 12.16 -2.97 -5.22
C MET A 257 12.70 -4.04 -6.15
N ALA A 258 11.81 -4.62 -6.94
CA ALA A 258 12.24 -5.62 -7.90
C ALA A 258 13.20 -5.00 -8.89
N HIS A 259 12.91 -3.80 -9.37
CA HIS A 259 13.82 -3.15 -10.33
C HIS A 259 15.21 -2.95 -9.71
N LEU A 260 15.25 -2.40 -8.51
CA LEU A 260 16.49 -2.03 -7.85
C LEU A 260 17.37 -3.23 -7.55
N THR A 261 16.74 -4.37 -7.24
CA THR A 261 17.48 -5.56 -6.84
C THR A 261 17.64 -6.58 -7.99
N ASN A 262 17.27 -6.21 -9.21
CA ASN A 262 17.35 -7.13 -10.36
C ASN A 262 16.56 -8.43 -10.12
N ASN A 263 15.42 -8.28 -9.48
CA ASN A 263 14.44 -9.35 -9.25
C ASN A 263 14.92 -10.35 -8.19
N TYR A 264 15.97 -10.02 -7.42
CA TYR A 264 16.35 -10.84 -6.26
C TYR A 264 15.24 -10.87 -5.25
N TYR A 265 14.64 -9.69 -4.97
CA TYR A 265 13.42 -9.61 -4.19
C TYR A 265 12.34 -9.26 -5.24
N LYS A 266 11.58 -10.26 -5.66
CA LYS A 266 10.51 -10.05 -6.62
C LYS A 266 9.33 -9.30 -5.99
N ALA A 267 8.56 -8.63 -6.84
CA ALA A 267 7.28 -8.04 -6.39
C ALA A 267 6.29 -9.21 -6.59
N PRO A 268 5.75 -9.80 -5.54
CA PRO A 268 4.89 -10.97 -5.73
C PRO A 268 3.60 -10.64 -6.44
N ILE A 269 3.16 -11.55 -7.30
CA ILE A 269 1.88 -11.38 -7.99
C ILE A 269 0.79 -11.84 -7.04
N HIS A 270 -0.22 -11.02 -6.86
CA HIS A 270 -1.30 -11.37 -5.93
C HIS A 270 -2.64 -10.83 -6.42
N ARG A 271 -3.71 -11.32 -5.82
CA ARG A 271 -5.09 -10.90 -6.19
C ARG A 271 -5.96 -10.93 -4.93
N VAL A 272 -7.17 -10.36 -5.06
CA VAL A 272 -8.15 -10.20 -3.97
C VAL A 272 -9.37 -11.04 -4.31
N LYS A 273 -9.63 -12.06 -3.50
CA LYS A 273 -10.82 -12.93 -3.67
C LYS A 273 -12.10 -12.13 -3.32
N TRP A 274 -13.17 -12.47 -3.99
CA TRP A 274 -14.50 -12.01 -3.62
C TRP A 274 -14.95 -12.72 -2.35
N VAL A 275 -15.33 -11.91 -1.36
CA VAL A 275 -15.92 -12.40 -0.10
C VAL A 275 -17.15 -11.54 0.24
N ASN A 276 -18.30 -12.14 0.51
CA ASN A 276 -19.45 -11.29 0.83
C ASN A 276 -19.43 -11.01 2.35
N ALA A 277 -18.70 -9.98 2.71
CA ALA A 277 -18.49 -9.56 4.08
C ALA A 277 -18.13 -8.12 4.17
N GLU A 278 -18.60 -7.50 5.24
CA GLU A 278 -18.32 -6.09 5.47
C GLU A 278 -16.91 -6.05 6.09
N ARG A 279 -15.96 -5.46 5.40
CA ARG A 279 -14.59 -5.47 5.85
C ARG A 279 -13.77 -4.26 5.40
N GLN A 280 -12.59 -4.10 5.99
CA GLN A 280 -11.69 -2.99 5.66
C GLN A 280 -10.35 -3.44 5.13
N SER A 281 -9.80 -2.64 4.20
CA SER A 281 -8.47 -2.85 3.69
C SER A 281 -7.78 -1.47 3.66
N LEU A 282 -6.74 -1.32 4.48
CA LEU A 282 -6.09 -0.02 4.68
C LEU A 282 -4.56 -0.05 4.33
N PRO A 283 -4.25 -0.01 3.02
CA PRO A 283 -2.84 0.02 2.61
C PRO A 283 -2.13 1.37 2.79
N PHE A 284 -0.83 1.31 3.08
CA PHE A 284 0.07 2.45 3.03
C PHE A 284 1.11 2.05 1.94
N PHE A 285 1.15 2.81 0.87
CA PHE A 285 2.10 2.59 -0.22
C PHE A 285 3.33 3.41 0.04
N VAL A 286 4.45 2.71 0.30
CA VAL A 286 5.72 3.39 0.58
C VAL A 286 6.37 3.82 -0.72
N ASN A 287 6.22 5.11 -1.01
CA ASN A 287 6.75 5.77 -2.21
C ASN A 287 7.85 6.77 -1.77
N LEU A 288 8.88 6.97 -2.59
CA LEU A 288 9.96 7.88 -2.28
C LEU A 288 9.64 9.28 -2.78
N GLY A 289 10.65 10.13 -2.96
CA GLY A 289 10.43 11.47 -3.55
C GLY A 289 10.39 11.54 -5.05
N TYR A 290 9.89 12.63 -5.62
CA TYR A 290 9.72 12.69 -7.07
C TYR A 290 11.02 12.47 -7.80
N ASP A 291 12.12 13.02 -7.30
CA ASP A 291 13.40 12.91 -7.96
C ASP A 291 14.34 11.86 -7.35
N SER A 292 13.84 11.05 -6.43
CA SER A 292 14.67 10.03 -5.84
C SER A 292 15.11 8.98 -6.87
N VAL A 293 16.40 8.68 -6.89
CA VAL A 293 16.95 7.67 -7.78
C VAL A 293 17.91 6.81 -6.98
N ILE A 294 17.69 5.50 -6.97
CA ILE A 294 18.66 4.57 -6.38
C ILE A 294 19.29 3.79 -7.54
N ASP A 295 20.62 3.69 -7.57
CA ASP A 295 21.23 2.96 -8.64
C ASP A 295 20.99 1.45 -8.44
N PRO A 296 20.48 0.82 -9.49
CA PRO A 296 20.19 -0.61 -9.42
C PRO A 296 21.43 -1.46 -9.20
N PHE A 297 21.27 -2.58 -8.49
CA PHE A 297 22.35 -3.51 -8.17
C PHE A 297 21.84 -4.94 -8.21
N ASP A 298 22.75 -5.90 -8.10
CA ASP A 298 22.38 -7.33 -8.08
C ASP A 298 23.15 -8.12 -7.03
N PRO A 299 22.47 -8.40 -5.92
CA PRO A 299 23.04 -9.13 -4.79
C PRO A 299 23.41 -10.60 -5.06
N ARG A 300 23.15 -11.09 -6.26
CA ARG A 300 23.56 -12.44 -6.61
C ARG A 300 24.86 -12.42 -7.39
N GLU A 301 25.34 -11.24 -7.75
CA GLU A 301 26.59 -11.12 -8.49
C GLU A 301 27.75 -10.67 -7.64
N PRO A 302 28.90 -11.31 -7.82
CA PRO A 302 30.11 -10.91 -7.09
C PRO A 302 30.39 -9.39 -7.08
N ASN A 303 30.35 -8.72 -8.22
CA ASN A 303 30.61 -7.27 -8.20
C ASN A 303 29.35 -6.44 -7.95
N GLY A 304 28.23 -7.12 -7.70
CA GLY A 304 26.97 -6.45 -7.46
C GLY A 304 26.44 -5.60 -8.61
N LYS A 305 27.01 -5.67 -9.81
CA LYS A 305 26.53 -4.78 -10.88
C LYS A 305 25.30 -5.34 -11.58
N SER A 306 24.49 -4.45 -12.10
CA SER A 306 23.25 -4.83 -12.76
C SER A 306 23.15 -4.19 -14.14
N ASP A 307 22.51 -4.83 -15.12
CA ASP A 307 22.35 -4.19 -16.44
C ASP A 307 20.99 -3.49 -16.58
N ARG A 308 20.47 -2.99 -15.46
CA ARG A 308 19.24 -2.21 -15.46
C ARG A 308 19.66 -0.75 -15.33
N GLU A 309 18.89 0.15 -15.88
CA GLU A 309 19.23 1.57 -15.80
C GLU A 309 18.49 2.30 -14.70
N PRO A 310 19.07 3.37 -14.17
CA PRO A 310 18.36 4.12 -13.12
C PRO A 310 17.03 4.71 -13.60
N LEU A 311 16.07 4.66 -12.69
CA LEU A 311 14.73 5.17 -12.92
C LEU A 311 14.34 6.07 -11.74
N SER A 312 13.99 7.33 -12.02
CA SER A 312 13.53 8.17 -10.94
C SER A 312 12.14 7.72 -10.44
N TYR A 313 11.89 7.96 -9.15
CA TYR A 313 10.70 7.45 -8.50
C TYR A 313 9.42 8.08 -9.08
N GLY A 314 9.50 9.38 -9.36
CA GLY A 314 8.37 10.07 -9.93
C GLY A 314 7.94 9.52 -11.28
N ASP A 315 8.91 9.22 -12.14
CA ASP A 315 8.64 8.63 -13.43
C ASP A 315 7.99 7.24 -13.25
N TYR A 316 8.58 6.43 -12.36
CA TYR A 316 8.03 5.09 -12.04
C TYR A 316 6.58 5.16 -11.59
N LEU A 317 6.31 6.09 -10.69
CA LEU A 317 4.99 6.18 -10.05
C LEU A 317 3.90 6.62 -11.01
N GLN A 318 4.13 7.70 -11.74
CA GLN A 318 3.06 8.15 -12.62
C GLN A 318 2.76 7.10 -13.69
N ASN A 319 3.78 6.48 -14.27
CA ASN A 319 3.60 5.40 -15.27
C ASN A 319 2.86 4.21 -14.65
N GLY A 320 3.26 3.83 -13.44
CA GLY A 320 2.69 2.69 -12.74
C GLY A 320 1.21 2.83 -12.43
N LEU A 321 0.82 3.97 -11.87
CA LEU A 321 -0.56 4.15 -11.45
C LEU A 321 -1.51 4.15 -12.64
N VAL A 322 -1.13 4.80 -13.73
CA VAL A 322 -1.95 4.79 -14.92
C VAL A 322 -2.07 3.41 -15.51
N SER A 323 -0.96 2.66 -15.52
CA SER A 323 -0.96 1.34 -16.10
C SER A 323 -1.83 0.34 -15.31
N LEU A 324 -1.82 0.48 -14.00
CA LEU A 324 -2.64 -0.37 -13.14
C LEU A 324 -4.15 -0.09 -13.39
N ILE A 325 -4.53 1.19 -13.57
CA ILE A 325 -5.92 1.51 -13.93
C ILE A 325 -6.26 0.91 -15.26
N ASN A 326 -5.40 1.08 -16.26
CA ASN A 326 -5.71 0.49 -17.56
C ASN A 326 -5.91 -1.04 -17.49
N LYS A 327 -5.09 -1.72 -16.68
CA LYS A 327 -5.13 -3.20 -16.60
C LYS A 327 -6.29 -3.76 -15.79
N ASN A 328 -6.48 -3.22 -14.60
CA ASN A 328 -7.47 -3.76 -13.64
C ASN A 328 -8.66 -2.86 -13.33
N GLY A 329 -8.73 -1.71 -14.00
CA GLY A 329 -9.86 -0.81 -13.87
C GLY A 329 -9.77 0.28 -12.80
N GLN A 330 -10.60 1.32 -12.94
CA GLN A 330 -10.67 2.41 -11.95
C GLN A 330 -11.31 1.89 -10.64
N THR A 331 -10.64 2.11 -9.48
CA THR A 331 -10.96 1.48 -8.16
C THR A 331 -11.71 2.16 -7.01
#